data_4EHG
#
_entry.id   4EHG
#
_cell.length_a   100.499
_cell.length_b   100.499
_cell.length_c   161.305
_cell.angle_alpha   90.00
_cell.angle_beta   90.00
_cell.angle_gamma   90.00
#
_symmetry.space_group_name_H-M   'P 41 21 2'
#
loop_
_entity.id
_entity.type
_entity.pdbx_description
1 polymer 'Serine/threonine-protein kinase B-raf'
2 non-polymer N-{2,4-difluoro-3-[({6-[(2-hydroxyethyl)amino]pyrimidin-4-yl}carbamoyl)amino]phenyl}propane-1-sulfonamide
#
_entity_poly.entity_id   1
_entity_poly.type   'polypeptide(L)'
_entity_poly.pdbx_seq_one_letter_code
;MDRGSHHHHHHGSEDRNRMKTLGRRDSSDDWEIPDGQITVGQRIGSGSFGTVYKGKWHGDVAVKMLNVTAPTPQQLQAFK
NEVGVLRKTRHVNILLFMGYSTKPQLAIVTQWCEGSSLYHHLHIIETKFEMIKLIDIARQTAQGMDYLHAKSIIHRDLKS
NNIFLHEDLTVKIGDFGLATEKSRWSGSHQFEQLSGSILWMAPEVIRMQDKNPYSFQSDVYAFGIVLYELMTGQLPYSNI
NNRDQIIFMVGRGYLSPDLSKVRSNCPKAMKRLMAECLKKKRDERPLFPQILASIELLARSLPKIHR
;
_entity_poly.pdbx_strand_id   A,B
#
loop_
_chem_comp.id
_chem_comp.type
_chem_comp.name
_chem_comp.formula
RI9 non-polymer N-{2,4-difluoro-3-[({6-[(2-hydroxyethyl)amino]pyrimidin-4-yl}carbamoyl)amino]phenyl}propane-1-sulfonamide 'C16 H20 F2 N6 O4 S'
#
# COMPACT_ATOMS: atom_id res chain seq x y z
N ASP A 29 5.93 11.84 -15.37
CA ASP A 29 6.27 12.06 -13.94
C ASP A 29 5.12 12.69 -13.12
N ASP A 30 4.92 13.99 -13.35
CA ASP A 30 3.91 14.78 -12.65
C ASP A 30 2.66 13.96 -12.30
N TRP A 31 2.22 14.06 -11.05
CA TRP A 31 1.09 13.25 -10.61
C TRP A 31 -0.27 13.78 -11.07
N GLU A 32 -0.26 14.74 -12.00
CA GLU A 32 -1.49 15.22 -12.63
C GLU A 32 -2.06 14.15 -13.58
N ILE A 33 -3.33 13.78 -13.37
CA ILE A 33 -3.96 12.72 -14.15
C ILE A 33 -4.93 13.35 -15.13
N PRO A 34 -4.56 13.32 -16.43
CA PRO A 34 -5.27 14.00 -17.50
C PRO A 34 -6.75 13.70 -17.47
N ASP A 35 -7.54 14.74 -17.71
CA ASP A 35 -8.98 14.64 -17.72
C ASP A 35 -9.43 13.52 -18.66
N GLY A 36 -10.51 12.84 -18.29
CA GLY A 36 -11.04 11.75 -19.13
C GLY A 36 -10.49 10.37 -18.83
N GLN A 37 -9.45 10.31 -18.02
CA GLN A 37 -8.88 9.02 -17.61
C GLN A 37 -9.61 8.44 -16.41
N ILE A 38 -10.04 9.29 -15.48
CA ILE A 38 -10.72 8.79 -14.29
C ILE A 38 -12.19 8.58 -14.56
N THR A 39 -12.63 7.31 -14.45
CA THR A 39 -14.05 6.97 -14.49
C THR A 39 -14.61 7.25 -13.10
N VAL A 40 -15.66 8.04 -13.02
CA VAL A 40 -16.22 8.37 -11.71
C VAL A 40 -17.44 7.50 -11.42
N GLY A 41 -17.36 6.75 -10.32
CA GLY A 41 -18.46 5.87 -9.94
C GLY A 41 -19.38 6.42 -8.87
N GLN A 42 -19.75 5.52 -7.95
CA GLN A 42 -20.67 5.81 -6.84
C GLN A 42 -20.24 6.97 -5.98
N ARG A 43 -21.14 7.91 -5.72
CA ARG A 43 -20.88 8.92 -4.71
C ARG A 43 -20.84 8.21 -3.37
N ILE A 44 -19.75 8.32 -2.60
CA ILE A 44 -19.77 7.62 -1.31
C ILE A 44 -19.93 8.44 -0.03
N GLY A 45 -19.54 9.72 -0.06
CA GLY A 45 -19.72 10.62 1.10
C GLY A 45 -19.08 12.00 0.96
N SER A 46 -19.27 12.84 1.97
CA SER A 46 -18.58 14.15 2.04
C SER A 46 -17.33 14.04 2.93
N GLY A 47 -16.48 15.05 2.86
CA GLY A 47 -15.23 15.05 3.64
C GLY A 47 -14.31 16.18 3.28
N SER A 48 -14.22 17.16 4.18
CA SER A 48 -13.29 18.30 4.11
C SER A 48 -13.09 18.91 2.72
N PHE A 49 -14.00 19.81 2.37
CA PHE A 49 -13.95 20.63 1.14
C PHE A 49 -14.28 19.90 -0.15
N GLY A 50 -14.68 18.63 -0.04
CA GLY A 50 -15.08 17.87 -1.21
C GLY A 50 -16.10 16.77 -1.00
N THR A 51 -16.41 16.09 -2.10
CA THR A 51 -17.24 14.89 -2.14
C THR A 51 -16.38 13.68 -2.58
N VAL A 52 -16.69 12.49 -2.08
CA VAL A 52 -15.85 11.33 -2.35
C VAL A 52 -16.60 10.24 -3.14
N TYR A 53 -15.95 9.73 -4.17
CA TYR A 53 -16.55 8.77 -5.10
C TYR A 53 -15.66 7.56 -5.23
N LYS A 54 -16.23 6.36 -5.30
CA LYS A 54 -15.47 5.19 -5.72
C LYS A 54 -15.21 5.38 -7.19
N GLY A 55 -14.03 4.98 -7.67
CA GLY A 55 -13.65 5.22 -9.07
C GLY A 55 -12.73 4.21 -9.73
N LYS A 56 -12.79 4.17 -11.05
CA LYS A 56 -11.85 3.39 -11.82
C LYS A 56 -10.75 4.29 -12.38
N TRP A 57 -9.50 3.86 -12.13
CA TRP A 57 -8.29 4.40 -12.75
C TRP A 57 -7.14 3.45 -12.48
N HIS A 58 -6.71 2.71 -13.50
CA HIS A 58 -5.85 1.53 -13.30
C HIS A 58 -6.43 0.69 -12.15
N GLY A 59 -7.65 0.21 -12.36
CA GLY A 59 -8.39 -0.49 -11.32
C GLY A 59 -9.03 0.47 -10.34
N ASP A 60 -9.69 -0.08 -9.32
CA ASP A 60 -10.41 0.68 -8.30
C ASP A 60 -9.57 1.78 -7.66
N VAL A 61 -10.17 2.96 -7.53
CA VAL A 61 -9.58 4.07 -6.75
C VAL A 61 -10.67 4.91 -6.03
N ALA A 62 -10.24 5.74 -5.08
CA ALA A 62 -11.12 6.69 -4.42
C ALA A 62 -10.80 8.07 -4.96
N VAL A 63 -11.82 8.90 -5.09
CA VAL A 63 -11.63 10.23 -5.66
C VAL A 63 -12.36 11.29 -4.87
N LYS A 64 -11.61 12.16 -4.21
CA LYS A 64 -12.22 13.30 -3.54
C LYS A 64 -12.27 14.45 -4.51
N MET A 65 -13.49 14.92 -4.76
CA MET A 65 -13.79 15.94 -5.74
C MET A 65 -13.93 17.26 -5.04
N LEU A 66 -12.87 18.07 -5.10
CA LEU A 66 -12.73 19.23 -4.23
C LEU A 66 -13.69 20.39 -4.43
N ASN A 67 -14.98 20.11 -4.65
CA ASN A 67 -15.95 21.18 -5.00
C ASN A 67 -15.67 22.57 -4.40
N VAL A 68 -14.72 23.21 -5.08
CA VAL A 68 -14.47 24.64 -5.04
C VAL A 68 -14.17 24.88 -6.52
N THR A 69 -15.25 24.87 -7.30
CA THR A 69 -15.19 24.76 -8.77
C THR A 69 -14.42 25.89 -9.49
N ALA A 70 -13.42 25.46 -10.27
CA ALA A 70 -12.44 26.34 -10.92
C ALA A 70 -11.90 27.53 -10.06
N PRO A 71 -10.82 27.26 -9.28
CA PRO A 71 -9.96 28.35 -8.79
C PRO A 71 -9.42 29.13 -9.99
N THR A 72 -9.05 30.41 -9.85
CA THR A 72 -8.61 31.14 -8.64
C THR A 72 -7.12 30.93 -8.37
N PRO A 73 -6.30 30.81 -9.44
CA PRO A 73 -4.88 30.93 -9.13
C PRO A 73 -4.66 32.16 -8.26
N GLN A 74 -3.88 32.00 -7.20
CA GLN A 74 -3.30 30.70 -6.95
C GLN A 74 -3.82 30.02 -5.67
N GLN A 75 -5.09 29.62 -5.71
CA GLN A 75 -5.58 28.55 -4.85
C GLN A 75 -5.23 27.27 -5.58
N LEU A 76 -5.14 27.40 -6.90
CA LEU A 76 -4.55 26.40 -7.79
C LEU A 76 -3.17 26.02 -7.27
N GLN A 77 -2.50 27.00 -6.69
CA GLN A 77 -1.23 26.77 -6.01
C GLN A 77 -1.44 26.12 -4.65
N ALA A 78 -2.45 26.57 -3.90
CA ALA A 78 -2.77 25.99 -2.58
C ALA A 78 -2.97 24.47 -2.67
N PHE A 79 -3.83 24.06 -3.60
CA PHE A 79 -3.98 22.67 -3.99
C PHE A 79 -2.62 22.01 -4.19
N LYS A 80 -1.82 22.58 -5.09
CA LYS A 80 -0.48 22.04 -5.43
C LYS A 80 0.41 21.84 -4.21
N ASN A 81 0.31 22.74 -3.25
CA ASN A 81 1.09 22.63 -2.04
C ASN A 81 0.65 21.46 -1.19
N GLU A 82 -0.62 21.48 -0.80
CA GLU A 82 -1.13 20.43 0.06
C GLU A 82 -0.89 19.07 -0.55
N VAL A 83 -0.95 18.98 -1.88
CA VAL A 83 -0.52 17.80 -2.62
C VAL A 83 0.95 17.49 -2.37
N GLY A 84 1.77 18.53 -2.43
CA GLY A 84 3.18 18.40 -2.09
C GLY A 84 3.32 17.70 -0.76
N VAL A 85 2.48 18.06 0.21
CA VAL A 85 2.51 17.43 1.52
C VAL A 85 2.26 15.93 1.41
N LEU A 86 1.26 15.57 0.60
CA LEU A 86 0.82 14.19 0.45
C LEU A 86 1.90 13.29 -0.12
N ARG A 87 2.39 13.64 -1.30
CA ARG A 87 3.43 12.85 -1.96
C ARG A 87 4.69 12.66 -1.10
N LYS A 88 4.75 13.31 0.05
CA LYS A 88 5.85 13.10 0.98
C LYS A 88 5.69 11.81 1.77
N THR A 89 4.48 11.25 1.74
CA THR A 89 4.16 10.06 2.53
C THR A 89 4.09 8.79 1.70
N ARG A 90 4.85 7.79 2.11
CA ARG A 90 4.79 6.49 1.49
C ARG A 90 4.84 5.48 2.61
N HIS A 91 3.67 5.13 3.14
CA HIS A 91 3.58 4.16 4.23
C HIS A 91 2.38 3.24 4.12
N VAL A 92 2.54 2.02 4.65
CA VAL A 92 1.47 1.01 4.66
C VAL A 92 0.26 1.51 5.46
N ASN A 93 0.50 2.17 6.58
CA ASN A 93 -0.60 2.59 7.39
C ASN A 93 -1.15 3.96 7.00
N ILE A 94 -0.61 4.52 5.90
CA ILE A 94 -1.15 5.77 5.30
C ILE A 94 -1.86 5.50 3.97
N LEU A 95 -3.14 5.88 3.93
CA LEU A 95 -3.95 5.78 2.73
C LEU A 95 -3.15 6.24 1.51
N LEU A 96 -2.96 5.34 0.56
CA LEU A 96 -2.04 5.59 -0.54
C LEU A 96 -2.46 6.72 -1.50
N PHE A 97 -1.78 7.85 -1.41
CA PHE A 97 -1.91 8.90 -2.41
C PHE A 97 -1.54 8.34 -3.76
N MET A 98 -2.34 8.63 -4.77
CA MET A 98 -2.08 8.08 -6.09
C MET A 98 -1.94 9.11 -7.18
N GLY A 99 -2.65 10.21 -7.04
CA GLY A 99 -2.58 11.30 -8.00
C GLY A 99 -3.53 12.43 -7.66
N TYR A 100 -3.52 13.46 -8.49
CA TYR A 100 -4.45 14.58 -8.38
C TYR A 100 -4.89 15.02 -9.76
N SER A 101 -5.94 15.85 -9.81
CA SER A 101 -6.30 16.50 -11.04
C SER A 101 -6.87 17.90 -10.80
N THR A 102 -6.33 18.86 -11.54
CA THR A 102 -6.81 20.24 -11.62
C THR A 102 -7.85 20.30 -12.72
N LYS A 103 -7.58 19.48 -13.71
CA LYS A 103 -8.05 19.63 -15.06
C LYS A 103 -9.57 19.78 -15.22
N PRO A 104 -10.37 18.69 -14.98
CA PRO A 104 -11.84 18.80 -15.13
C PRO A 104 -12.40 19.68 -14.01
N GLN A 105 -12.11 19.29 -12.76
CA GLN A 105 -12.17 20.12 -11.55
C GLN A 105 -11.02 19.64 -10.67
N LEU A 106 -10.90 20.18 -9.46
CA LEU A 106 -9.85 19.75 -8.53
C LEU A 106 -10.21 18.44 -7.87
N ALA A 107 -9.22 17.60 -7.60
CA ALA A 107 -9.44 16.24 -7.06
C ALA A 107 -8.20 15.52 -6.49
N ILE A 108 -8.41 14.66 -5.50
CA ILE A 108 -7.32 13.81 -5.03
C ILE A 108 -7.68 12.36 -5.25
N VAL A 109 -6.74 11.62 -5.83
CA VAL A 109 -6.97 10.24 -6.16
C VAL A 109 -6.14 9.38 -5.23
N THR A 110 -6.79 8.49 -4.51
CA THR A 110 -6.04 7.54 -3.71
C THR A 110 -6.61 6.16 -3.92
N GLN A 111 -5.93 5.17 -3.35
CA GLN A 111 -6.40 3.78 -3.38
C GLN A 111 -7.80 3.61 -2.80
N TRP A 112 -8.55 2.70 -3.40
CA TRP A 112 -9.81 2.23 -2.87
C TRP A 112 -9.59 1.29 -1.67
N CYS A 113 -10.61 1.12 -0.83
CA CYS A 113 -10.53 0.12 0.26
C CYS A 113 -11.71 -0.82 0.35
N GLU A 114 -11.42 -2.10 0.15
CA GLU A 114 -12.42 -3.07 0.46
C GLU A 114 -12.40 -3.16 1.96
N GLY A 115 -13.47 -2.65 2.56
CA GLY A 115 -13.56 -2.56 4.00
C GLY A 115 -14.43 -1.37 4.31
N SER A 116 -14.55 -1.07 5.60
CA SER A 116 -15.30 0.08 6.08
C SER A 116 -14.45 0.90 7.00
N SER A 117 -14.93 2.10 7.32
CA SER A 117 -14.25 2.94 8.28
C SER A 117 -14.28 2.31 9.66
N LEU A 118 -13.30 2.65 10.49
CA LEU A 118 -13.28 2.20 11.88
C LEU A 118 -14.48 2.73 12.67
N TYR A 119 -14.92 3.94 12.35
CA TYR A 119 -16.13 4.51 12.93
C TYR A 119 -17.33 3.69 12.52
N HIS A 120 -17.36 3.33 11.24
CA HIS A 120 -18.49 2.59 10.72
C HIS A 120 -18.57 1.27 11.44
N HIS A 121 -17.51 0.49 11.31
CA HIS A 121 -17.41 -0.77 12.03
C HIS A 121 -18.00 -0.60 13.41
N LEU A 122 -17.51 0.37 14.15
CA LEU A 122 -17.77 0.42 15.57
C LEU A 122 -19.17 0.87 15.95
N HIS A 123 -19.58 2.04 15.46
CA HIS A 123 -20.76 2.66 15.99
C HIS A 123 -21.95 2.55 15.07
N ILE A 124 -21.79 1.99 13.88
CA ILE A 124 -22.92 1.81 12.99
C ILE A 124 -23.22 0.33 12.74
N ILE A 125 -22.28 -0.44 12.20
CA ILE A 125 -22.57 -1.87 11.94
C ILE A 125 -22.34 -2.75 13.15
N GLU A 126 -21.60 -2.21 14.12
CA GLU A 126 -21.42 -2.83 15.42
C GLU A 126 -20.65 -4.14 15.35
N THR A 127 -19.45 -4.10 14.76
CA THR A 127 -18.60 -5.27 14.71
C THR A 127 -18.09 -5.54 16.10
N LYS A 128 -18.01 -6.81 16.46
CA LYS A 128 -17.45 -7.17 17.74
C LYS A 128 -16.04 -7.71 17.56
N PHE A 129 -15.07 -6.79 17.44
CA PHE A 129 -13.66 -7.15 17.29
C PHE A 129 -13.07 -7.72 18.57
N GLU A 130 -12.42 -8.87 18.47
CA GLU A 130 -11.72 -9.43 19.63
C GLU A 130 -10.58 -8.50 20.07
N MET A 131 -10.32 -8.51 21.38
CA MET A 131 -9.27 -7.69 21.98
C MET A 131 -7.98 -7.63 21.17
N ILE A 132 -7.53 -8.79 20.71
CA ILE A 132 -6.24 -8.89 20.04
C ILE A 132 -6.26 -8.01 18.79
N LYS A 133 -7.33 -8.14 17.98
CA LYS A 133 -7.54 -7.26 16.83
C LYS A 133 -7.50 -5.79 17.23
N LEU A 134 -8.24 -5.48 18.30
CA LEU A 134 -8.35 -4.11 18.78
C LEU A 134 -6.99 -3.56 19.18
N ILE A 135 -6.17 -4.36 19.84
CA ILE A 135 -4.83 -3.90 20.16
C ILE A 135 -4.08 -3.71 18.86
N ASP A 136 -4.32 -4.61 17.92
CA ASP A 136 -3.62 -4.56 16.65
C ASP A 136 -3.99 -3.34 15.78
N ILE A 137 -5.30 -3.10 15.67
CA ILE A 137 -5.80 -1.88 15.03
C ILE A 137 -5.15 -0.66 15.68
N ALA A 138 -5.16 -0.60 17.00
CA ALA A 138 -4.50 0.47 17.73
C ALA A 138 -3.03 0.64 17.31
N ARG A 139 -2.27 -0.45 17.40
CA ARG A 139 -0.84 -0.43 17.12
C ARG A 139 -0.56 0.16 15.76
N GLN A 140 -1.30 -0.33 14.78
CA GLN A 140 -1.17 0.10 13.41
C GLN A 140 -1.54 1.57 13.23
N THR A 141 -2.56 2.01 13.95
CA THR A 141 -2.98 3.39 13.86
C THR A 141 -1.84 4.27 14.32
N ALA A 142 -1.26 3.88 15.46
CA ALA A 142 -0.07 4.54 15.95
C ALA A 142 0.98 4.49 14.88
N GLN A 143 1.27 3.30 14.37
CA GLN A 143 2.30 3.11 13.35
C GLN A 143 2.34 4.24 12.34
N GLY A 144 1.19 4.47 11.71
CA GLY A 144 1.03 5.51 10.70
C GLY A 144 1.30 6.89 11.21
N MET A 145 0.71 7.21 12.37
CA MET A 145 0.89 8.52 13.00
C MET A 145 2.36 8.82 13.25
N ASP A 146 3.06 7.85 13.84
CA ASP A 146 4.46 8.03 14.10
C ASP A 146 5.14 8.45 12.83
N TYR A 147 4.90 7.68 11.76
CA TYR A 147 5.41 8.01 10.44
C TYR A 147 5.08 9.48 10.08
N LEU A 148 3.80 9.82 10.07
CA LEU A 148 3.41 11.17 9.70
C LEU A 148 4.15 12.24 10.50
N HIS A 149 4.24 12.01 11.81
CA HIS A 149 5.00 12.89 12.69
C HIS A 149 6.48 12.86 12.32
N ALA A 150 7.02 11.66 12.12
CA ALA A 150 8.38 11.51 11.65
C ALA A 150 8.64 12.45 10.49
N LYS A 151 7.60 12.75 9.73
CA LYS A 151 7.75 13.65 8.61
C LYS A 151 7.16 15.03 8.86
N SER A 152 7.04 15.41 10.14
CA SER A 152 6.49 16.71 10.55
C SER A 152 5.21 17.06 9.84
N ILE A 153 4.18 16.25 10.06
CA ILE A 153 2.87 16.47 9.47
C ILE A 153 1.88 16.31 10.60
N ILE A 154 1.17 17.38 10.94
CA ILE A 154 0.14 17.24 11.96
C ILE A 154 -1.16 16.91 11.27
N HIS A 155 -1.89 15.99 11.87
CA HIS A 155 -3.06 15.48 11.21
C HIS A 155 -4.18 16.42 11.44
N ARG A 156 -4.16 17.05 12.62
CA ARG A 156 -5.10 18.09 13.02
C ARG A 156 -6.52 17.59 13.11
N ASP A 157 -6.84 16.52 12.39
CA ASP A 157 -8.17 15.93 12.44
C ASP A 157 -8.19 14.41 12.40
N LEU A 158 -7.51 13.75 13.34
CA LEU A 158 -7.66 12.32 13.50
C LEU A 158 -9.00 11.97 14.16
N LYS A 159 -9.72 11.03 13.56
CA LYS A 159 -10.89 10.42 14.19
C LYS A 159 -11.08 8.98 13.70
N SER A 160 -12.10 8.29 14.24
CA SER A 160 -12.35 6.89 13.90
C SER A 160 -12.88 6.77 12.49
N ASN A 161 -13.39 7.88 11.98
CA ASN A 161 -13.85 7.99 10.60
C ASN A 161 -12.74 8.18 9.56
N ASN A 162 -11.57 8.58 10.04
CA ASN A 162 -10.42 8.78 9.20
C ASN A 162 -9.62 7.52 9.05
N ILE A 163 -9.59 6.72 10.10
CA ILE A 163 -8.86 5.47 10.05
C ILE A 163 -9.72 4.45 9.34
N PHE A 164 -9.23 4.00 8.19
CA PHE A 164 -9.95 3.03 7.38
C PHE A 164 -9.36 1.67 7.62
N LEU A 165 -10.22 0.66 7.60
CA LEU A 165 -9.80 -0.67 7.97
C LEU A 165 -9.91 -1.57 6.76
N HIS A 166 -8.81 -1.63 6.02
CA HIS A 166 -8.85 -2.18 4.67
C HIS A 166 -8.71 -3.68 4.65
N GLU A 167 -9.51 -4.33 3.80
CA GLU A 167 -9.73 -5.77 3.80
C GLU A 167 -9.74 -6.31 5.24
N ASP A 168 -10.37 -5.54 6.12
CA ASP A 168 -10.56 -5.87 7.53
C ASP A 168 -9.33 -6.39 8.28
N LEU A 169 -8.16 -5.77 8.04
CA LEU A 169 -7.00 -5.91 8.96
C LEU A 169 -5.85 -4.90 8.81
N THR A 170 -5.88 -4.08 7.76
CA THR A 170 -4.83 -3.10 7.55
C THR A 170 -5.36 -1.68 7.66
N VAL A 171 -4.90 -0.99 8.70
CA VAL A 171 -5.28 0.39 8.98
C VAL A 171 -4.67 1.33 7.94
N LYS A 172 -5.46 2.28 7.46
CA LYS A 172 -4.96 3.27 6.53
C LYS A 172 -5.49 4.63 6.93
N ILE A 173 -4.64 5.45 7.52
CA ILE A 173 -5.06 6.76 7.94
C ILE A 173 -5.19 7.62 6.71
N GLY A 174 -6.39 8.13 6.47
CA GLY A 174 -6.60 9.08 5.38
C GLY A 174 -6.97 10.44 5.91
N ASP A 175 -7.10 11.41 5.00
CA ASP A 175 -7.76 12.70 5.29
C ASP A 175 -6.93 13.64 6.17
N PHE A 176 -5.85 14.20 5.61
CA PHE A 176 -5.06 15.24 6.28
C PHE A 176 -4.53 16.30 5.32
N GLY A 177 -4.69 16.04 4.03
CA GLY A 177 -4.49 17.06 3.00
C GLY A 177 -5.49 18.19 3.17
N LEU A 178 -5.10 19.38 2.71
CA LEU A 178 -5.73 20.66 3.12
C LEU A 178 -5.65 20.85 4.65
N ALA A 179 -6.64 20.35 5.40
CA ALA A 179 -6.72 20.45 6.89
C ALA A 179 -5.68 21.39 7.54
N THR A 180 -5.72 22.64 7.07
CA THR A 180 -4.79 23.70 7.47
C THR A 180 -5.53 25.00 7.94
N GLU A 181 -6.56 25.52 7.26
CA GLU A 181 -7.22 24.91 6.08
C GLU A 181 -6.56 25.38 4.79
N GLY A 196 -16.76 20.04 12.55
CA GLY A 196 -17.52 18.83 12.23
C GLY A 196 -17.49 17.74 13.29
N SER A 197 -16.42 17.69 14.09
CA SER A 197 -16.25 16.62 15.08
C SER A 197 -15.31 17.04 16.20
N ILE A 198 -15.84 17.03 17.41
CA ILE A 198 -15.18 17.63 18.55
C ILE A 198 -14.83 16.60 19.62
N LEU A 199 -15.41 15.42 19.45
CA LEU A 199 -15.17 14.32 20.37
C LEU A 199 -13.69 13.96 20.42
N TRP A 200 -12.96 14.18 19.32
CA TRP A 200 -11.53 13.86 19.25
C TRP A 200 -10.65 15.08 19.55
N MET A 201 -11.30 16.23 19.67
CA MET A 201 -10.63 17.52 19.85
C MET A 201 -10.13 17.69 21.27
N ALA A 202 -8.85 17.99 21.41
CA ALA A 202 -8.19 18.16 22.69
C ALA A 202 -8.60 19.48 23.32
N PRO A 203 -8.67 19.54 24.65
CA PRO A 203 -9.02 20.78 25.35
C PRO A 203 -8.35 22.01 24.73
N GLU A 204 -7.02 22.01 24.74
CA GLU A 204 -6.19 23.12 24.26
C GLU A 204 -6.66 23.66 22.91
N VAL A 205 -7.27 22.79 22.11
CA VAL A 205 -7.86 23.20 20.84
C VAL A 205 -9.24 23.81 21.06
N ILE A 206 -10.07 23.12 21.84
CA ILE A 206 -11.46 23.52 22.04
C ILE A 206 -11.59 24.95 22.54
N ARG A 207 -10.87 25.25 23.61
CA ARG A 207 -10.65 26.65 23.95
C ARG A 207 -9.66 27.21 22.93
N MET A 208 -10.13 28.13 22.11
CA MET A 208 -9.30 28.70 21.05
C MET A 208 -7.97 29.22 21.56
N GLN A 209 -7.99 29.90 22.71
CA GLN A 209 -6.83 30.55 23.32
C GLN A 209 -5.92 31.20 22.29
N ASP A 210 -4.87 30.47 21.84
CA ASP A 210 -3.86 31.05 20.93
C ASP A 210 -4.08 30.77 19.42
N LYS A 211 -3.16 31.23 18.58
CA LYS A 211 -3.30 31.08 17.12
C LYS A 211 -3.13 29.61 16.68
N ASN A 212 -2.19 28.89 17.29
CA ASN A 212 -2.04 27.47 16.97
C ASN A 212 -1.92 26.48 18.13
N PRO A 213 -3.01 25.75 18.37
CA PRO A 213 -3.14 24.77 19.44
C PRO A 213 -2.81 23.36 18.94
N TYR A 214 -2.71 23.21 17.63
CA TYR A 214 -2.43 21.92 17.03
C TYR A 214 -0.97 21.58 17.16
N SER A 215 -0.71 20.41 17.75
CA SER A 215 0.62 19.93 18.00
C SER A 215 0.57 18.43 17.85
N PHE A 216 1.70 17.77 18.03
CA PHE A 216 1.71 16.33 18.04
C PHE A 216 0.77 15.89 19.11
N GLN A 217 0.99 16.41 20.30
CA GLN A 217 0.20 16.02 21.44
C GLN A 217 -1.30 16.14 21.17
N SER A 218 -1.68 17.15 20.37
CA SER A 218 -3.07 17.31 19.99
C SER A 218 -3.49 16.04 19.28
N ASP A 219 -2.69 15.60 18.30
CA ASP A 219 -2.92 14.34 17.59
C ASP A 219 -3.01 13.19 18.57
N VAL A 220 -2.08 13.15 19.51
CA VAL A 220 -2.05 12.07 20.47
C VAL A 220 -3.40 11.96 21.17
N TYR A 221 -3.92 13.11 21.63
CA TYR A 221 -5.24 13.13 22.26
C TYR A 221 -6.27 12.42 21.39
N ALA A 222 -6.46 12.94 20.17
CA ALA A 222 -7.38 12.33 19.24
C ALA A 222 -7.16 10.82 19.28
N PHE A 223 -5.91 10.40 19.11
CA PHE A 223 -5.57 9.00 19.17
C PHE A 223 -6.20 8.38 20.43
N GLY A 224 -5.89 8.98 21.56
CA GLY A 224 -6.48 8.61 22.84
C GLY A 224 -7.96 8.31 22.71
N ILE A 225 -8.70 9.18 22.02
CA ILE A 225 -10.15 8.97 21.88
C ILE A 225 -10.55 7.72 21.08
N VAL A 226 -9.85 7.49 19.98
CA VAL A 226 -10.18 6.32 19.19
C VAL A 226 -9.68 5.09 19.95
N LEU A 227 -8.72 5.32 20.85
CA LEU A 227 -8.30 4.30 21.80
C LEU A 227 -9.46 3.94 22.72
N TYR A 228 -10.11 4.97 23.28
CA TYR A 228 -11.32 4.78 24.06
C TYR A 228 -12.38 4.07 23.23
N GLU A 229 -12.67 4.60 22.03
CA GLU A 229 -13.61 4.00 21.07
C GLU A 229 -13.42 2.50 20.88
N LEU A 230 -12.16 2.08 20.76
CA LEU A 230 -11.84 0.68 20.55
C LEU A 230 -11.99 -0.14 21.81
N MET A 231 -11.70 0.44 22.96
CA MET A 231 -11.74 -0.34 24.18
C MET A 231 -13.11 -0.37 24.82
N THR A 232 -14.09 0.26 24.19
CA THR A 232 -15.41 0.40 24.78
C THR A 232 -16.47 0.22 23.72
N GLY A 233 -16.10 0.49 22.47
CA GLY A 233 -17.09 0.56 21.39
C GLY A 233 -18.16 1.60 21.64
N GLN A 234 -17.88 2.55 22.51
CA GLN A 234 -18.79 3.66 22.73
C GLN A 234 -18.13 4.86 22.11
N LEU A 235 -18.93 5.87 21.80
CA LEU A 235 -18.43 7.24 21.72
C LEU A 235 -18.44 7.88 23.13
N PRO A 236 -17.46 8.74 23.44
CA PRO A 236 -17.42 9.33 24.77
C PRO A 236 -18.59 10.27 25.02
N TYR A 237 -19.02 10.31 26.28
CA TYR A 237 -20.10 11.18 26.73
C TYR A 237 -21.43 10.79 26.09
N SER A 238 -21.55 9.53 25.69
CA SER A 238 -22.81 8.99 25.22
C SER A 238 -23.99 9.30 26.14
N ASN A 239 -23.71 9.67 27.40
CA ASN A 239 -24.76 9.97 28.40
C ASN A 239 -25.13 11.47 28.58
N ILE A 240 -24.71 12.31 27.64
CA ILE A 240 -25.08 13.72 27.58
C ILE A 240 -25.69 14.03 26.20
N ASN A 241 -26.84 14.68 26.16
CA ASN A 241 -27.47 14.91 24.87
C ASN A 241 -27.13 16.26 24.28
N ASN A 242 -26.35 17.07 25.01
CA ASN A 242 -26.09 18.46 24.61
C ASN A 242 -24.66 18.75 24.18
N ARG A 243 -24.47 19.03 22.90
CA ARG A 243 -23.14 19.20 22.34
C ARG A 243 -22.40 20.38 22.95
N ASP A 244 -23.07 21.53 23.06
CA ASP A 244 -22.42 22.74 23.58
C ASP A 244 -21.87 22.37 24.93
N GLN A 245 -22.74 21.88 25.80
CA GLN A 245 -22.32 21.41 27.09
C GLN A 245 -21.02 20.60 27.03
N ILE A 246 -20.98 19.60 26.15
CA ILE A 246 -19.80 18.74 26.05
C ILE A 246 -18.58 19.59 25.77
N ILE A 247 -18.66 20.34 24.67
CA ILE A 247 -17.61 21.23 24.23
C ILE A 247 -17.17 22.13 25.38
N PHE A 248 -18.14 22.76 26.03
CA PHE A 248 -17.78 23.70 27.05
C PHE A 248 -16.90 23.03 28.09
N MET A 249 -17.40 21.92 28.62
CA MET A 249 -16.83 21.30 29.81
C MET A 249 -15.47 20.70 29.54
N VAL A 250 -15.35 19.97 28.43
CA VAL A 250 -14.04 19.46 28.03
C VAL A 250 -13.04 20.63 27.93
N GLY A 251 -13.51 21.72 27.31
CA GLY A 251 -12.79 22.99 27.25
C GLY A 251 -12.09 23.39 28.55
N ARG A 252 -12.75 23.21 29.68
CA ARG A 252 -12.19 23.59 30.97
C ARG A 252 -11.83 22.35 31.76
N GLY A 253 -11.97 21.20 31.12
CA GLY A 253 -11.77 19.93 31.80
C GLY A 253 -12.59 19.84 33.07
N TYR A 254 -13.90 19.99 32.95
CA TYR A 254 -14.80 19.57 33.99
C TYR A 254 -15.23 18.15 33.67
N LEU A 255 -15.44 17.89 32.38
CA LEU A 255 -15.75 16.58 31.82
C LEU A 255 -14.50 16.00 31.20
N SER A 256 -14.46 14.68 31.09
CA SER A 256 -13.43 13.93 30.36
C SER A 256 -13.86 12.45 30.29
N PRO A 257 -13.32 11.69 29.33
CA PRO A 257 -13.78 10.32 29.11
C PRO A 257 -13.80 9.46 30.38
N ASP A 258 -14.89 8.70 30.53
CA ASP A 258 -15.11 7.81 31.66
C ASP A 258 -14.43 6.47 31.44
N LEU A 259 -13.14 6.43 31.75
CA LEU A 259 -12.31 5.26 31.45
C LEU A 259 -12.83 3.98 32.07
N SER A 260 -13.41 4.07 33.26
CA SER A 260 -13.93 2.91 33.98
C SER A 260 -14.76 2.01 33.08
N LYS A 261 -15.11 2.51 31.90
CA LYS A 261 -15.93 1.80 30.90
C LYS A 261 -15.19 0.83 29.95
N VAL A 262 -13.87 0.70 30.10
CA VAL A 262 -13.10 -0.25 29.29
C VAL A 262 -13.48 -1.69 29.59
N ARG A 263 -13.79 -2.43 28.54
CA ARG A 263 -14.25 -3.80 28.68
C ARG A 263 -13.30 -4.63 29.60
N SER A 264 -13.93 -5.49 30.38
CA SER A 264 -13.33 -6.29 31.47
C SER A 264 -11.87 -6.74 31.31
N ASN A 265 -11.45 -7.00 30.07
CA ASN A 265 -10.20 -7.65 29.78
C ASN A 265 -9.20 -6.82 28.98
N CYS A 266 -9.52 -5.55 28.72
CA CYS A 266 -8.56 -4.63 28.11
C CYS A 266 -7.32 -4.53 29.01
N PRO A 267 -6.16 -4.97 28.50
CA PRO A 267 -4.91 -5.01 29.28
C PRO A 267 -4.68 -3.82 30.18
N LYS A 268 -4.09 -4.10 31.34
CA LYS A 268 -3.75 -3.09 32.35
C LYS A 268 -2.96 -1.98 31.67
N ALA A 269 -1.87 -2.37 31.03
CA ALA A 269 -1.01 -1.45 30.30
C ALA A 269 -1.77 -0.56 29.32
N MET A 270 -2.73 -1.13 28.58
CA MET A 270 -3.57 -0.39 27.62
C MET A 270 -4.39 0.72 28.28
N LYS A 271 -5.17 0.36 29.29
CA LYS A 271 -5.99 1.33 30.02
C LYS A 271 -5.10 2.44 30.59
N ARG A 272 -3.96 2.05 31.12
CA ARG A 272 -2.94 2.99 31.60
C ARG A 272 -2.50 3.92 30.48
N LEU A 273 -2.27 3.37 29.29
CA LEU A 273 -1.80 4.13 28.14
C LEU A 273 -2.85 5.08 27.61
N MET A 274 -4.09 4.63 27.60
CA MET A 274 -5.20 5.43 27.16
C MET A 274 -5.19 6.74 27.93
N ALA A 275 -5.12 6.62 29.25
CA ALA A 275 -5.08 7.76 30.17
C ALA A 275 -3.94 8.72 29.91
N GLU A 276 -2.75 8.18 29.65
CA GLU A 276 -1.58 8.98 29.28
C GLU A 276 -1.84 9.77 28.01
N CYS A 277 -2.66 9.21 27.12
CA CYS A 277 -2.94 9.88 25.88
C CYS A 277 -4.04 10.89 26.06
N LEU A 278 -4.84 10.69 27.09
CA LEU A 278 -5.94 11.60 27.36
C LEU A 278 -5.63 12.67 28.40
N LYS A 279 -4.34 12.89 28.67
CA LYS A 279 -3.92 13.90 29.63
C LYS A 279 -4.46 15.26 29.21
N LYS A 280 -4.92 16.01 30.21
CA LYS A 280 -5.52 17.32 30.00
C LYS A 280 -4.44 18.35 29.67
N LYS A 281 -3.36 18.32 30.45
CA LYS A 281 -2.18 19.15 30.22
C LYS A 281 -1.43 18.59 29.02
N ARG A 282 -1.42 19.34 27.91
CA ARG A 282 -0.83 18.85 26.66
C ARG A 282 0.64 18.45 26.76
N ASP A 283 1.34 18.93 27.79
CA ASP A 283 2.73 18.57 27.93
C ASP A 283 2.94 17.31 28.75
N GLU A 284 1.91 16.48 28.88
CA GLU A 284 2.00 15.27 29.70
C GLU A 284 1.62 14.04 28.89
N ARG A 285 1.22 14.29 27.65
CA ARG A 285 0.90 13.21 26.71
C ARG A 285 2.19 12.72 26.09
N PRO A 286 2.27 11.42 25.81
CA PRO A 286 3.48 10.89 25.23
C PRO A 286 3.46 11.02 23.71
N LEU A 287 4.63 10.88 23.09
CA LEU A 287 4.74 10.97 21.65
C LEU A 287 4.69 9.59 21.07
N PHE A 288 4.40 9.51 19.77
CA PHE A 288 4.14 8.22 19.14
C PHE A 288 5.29 7.20 19.16
N PRO A 289 6.55 7.67 19.06
CA PRO A 289 7.59 6.73 19.36
C PRO A 289 7.27 5.98 20.66
N GLN A 290 7.22 6.73 21.76
CA GLN A 290 6.99 6.15 23.07
C GLN A 290 5.67 5.38 23.17
N ILE A 291 4.66 5.79 22.40
CA ILE A 291 3.35 5.11 22.39
C ILE A 291 3.44 3.70 21.80
N LEU A 292 4.03 3.60 20.61
CA LEU A 292 4.41 2.32 20.03
C LEU A 292 5.18 1.49 21.05
N ALA A 293 6.22 2.09 21.63
CA ALA A 293 7.00 1.45 22.66
C ALA A 293 6.09 0.61 23.55
N SER A 294 5.20 1.27 24.28
CA SER A 294 4.36 0.60 25.28
C SER A 294 3.28 -0.34 24.73
N ILE A 295 2.89 -0.18 23.46
CA ILE A 295 1.93 -1.13 22.83
C ILE A 295 2.61 -2.45 22.48
N GLU A 296 3.70 -2.36 21.70
CA GLU A 296 4.44 -3.54 21.31
C GLU A 296 4.81 -4.41 22.52
N LEU A 297 5.21 -3.76 23.61
CA LEU A 297 5.49 -4.48 24.84
C LEU A 297 4.30 -5.35 25.20
N LEU A 298 3.16 -4.72 25.52
CA LEU A 298 1.97 -5.44 25.98
C LEU A 298 1.44 -6.41 24.94
N ALA A 299 1.80 -6.18 23.67
CA ALA A 299 1.42 -7.05 22.56
C ALA A 299 2.14 -8.40 22.61
N ARG A 300 3.41 -8.39 22.99
CA ARG A 300 4.19 -9.62 23.15
C ARG A 300 3.87 -10.32 24.48
N SER A 301 3.51 -9.54 25.49
CA SER A 301 3.05 -10.07 26.78
C SER A 301 1.64 -10.65 26.70
N LEU A 302 1.28 -11.25 25.57
CA LEU A 302 -0.15 -11.57 25.33
C LEU A 302 -0.58 -12.82 24.51
N PRO A 303 -0.07 -13.00 23.25
CA PRO A 303 -0.81 -13.85 22.29
C PRO A 303 -0.98 -15.34 22.69
N LYS A 304 -0.01 -15.87 23.46
CA LYS A 304 -0.07 -17.23 24.03
C LYS A 304 -0.43 -17.23 25.53
N ASP B 29 11.32 15.89 3.20
CA ASP B 29 11.26 16.12 1.72
C ASP B 29 11.82 14.95 0.86
N ASP B 30 13.15 14.82 0.84
CA ASP B 30 13.84 13.82 0.01
C ASP B 30 13.71 12.39 0.59
N TRP B 31 13.85 11.37 -0.27
CA TRP B 31 13.59 9.98 0.12
C TRP B 31 14.77 9.23 0.74
N GLU B 32 15.89 9.91 0.94
CA GLU B 32 17.04 9.24 1.53
C GLU B 32 16.90 9.18 3.03
N ILE B 33 16.54 8.02 3.55
CA ILE B 33 16.54 7.80 4.98
C ILE B 33 17.91 8.18 5.54
N PRO B 34 17.93 9.05 6.58
CA PRO B 34 19.19 9.47 7.21
C PRO B 34 19.86 8.31 7.94
N ASP B 35 21.07 8.54 8.42
CA ASP B 35 21.89 7.42 8.89
C ASP B 35 21.35 6.73 10.15
N GLY B 36 20.92 5.49 9.99
CA GLY B 36 20.76 4.59 11.12
C GLY B 36 19.45 4.61 11.89
N GLN B 37 18.34 4.92 11.20
CA GLN B 37 17.01 4.63 11.73
C GLN B 37 16.57 3.24 11.26
N ILE B 38 17.36 2.64 10.36
CA ILE B 38 17.05 1.36 9.75
C ILE B 38 17.73 0.20 10.47
N THR B 39 16.93 -0.68 11.06
CA THR B 39 17.47 -1.81 11.82
C THR B 39 17.54 -3.08 10.99
N VAL B 40 18.59 -3.18 10.18
CA VAL B 40 18.86 -4.37 9.39
C VAL B 40 18.82 -5.57 10.34
N GLY B 41 17.93 -6.51 10.07
CA GLY B 41 17.84 -7.71 10.87
C GLY B 41 17.98 -8.94 10.02
N GLN B 42 17.23 -9.98 10.36
CA GLN B 42 16.98 -11.18 9.53
C GLN B 42 17.41 -11.15 8.05
N ARG B 43 18.34 -12.01 7.65
CA ARG B 43 18.69 -12.14 6.22
C ARG B 43 17.56 -12.81 5.43
N ILE B 44 17.50 -12.56 4.11
CA ILE B 44 16.49 -13.18 3.25
C ILE B 44 16.96 -13.46 1.81
N GLY B 45 17.37 -12.42 1.11
CA GLY B 45 17.65 -12.48 -0.34
C GLY B 45 18.89 -13.25 -0.75
N SER B 46 18.93 -13.65 -2.01
CA SER B 46 19.92 -14.64 -2.48
C SER B 46 21.25 -14.06 -3.04
N GLY B 47 21.40 -14.11 -4.38
CA GLY B 47 22.69 -13.98 -5.11
C GLY B 47 23.67 -12.84 -4.85
N SER B 48 23.68 -11.85 -5.75
CA SER B 48 24.66 -10.75 -5.68
C SER B 48 24.17 -9.43 -6.32
N PHE B 49 23.20 -9.53 -7.26
CA PHE B 49 22.49 -8.35 -7.82
C PHE B 49 22.05 -7.39 -6.70
N GLY B 50 21.90 -7.97 -5.51
CA GLY B 50 21.57 -7.28 -4.27
C GLY B 50 21.23 -8.37 -3.26
N THR B 51 21.44 -8.07 -1.96
CA THR B 51 21.06 -8.99 -0.87
C THR B 51 19.96 -8.44 0.04
N VAL B 52 18.90 -9.22 0.26
CA VAL B 52 17.67 -8.71 0.89
C VAL B 52 17.49 -9.18 2.33
N TYR B 53 17.01 -8.26 3.17
CA TYR B 53 16.80 -8.54 4.57
C TYR B 53 15.44 -8.05 5.01
N LYS B 54 14.97 -8.54 6.16
CA LYS B 54 13.88 -7.90 6.91
C LYS B 54 14.49 -6.83 7.84
N GLY B 55 13.80 -5.70 7.95
CA GLY B 55 14.29 -4.59 8.77
C GLY B 55 13.21 -3.91 9.59
N LYS B 56 13.59 -2.88 10.32
CA LYS B 56 12.64 -2.05 11.01
C LYS B 56 12.93 -0.60 10.66
N TRP B 57 11.84 0.13 10.44
CA TRP B 57 11.83 1.55 10.12
C TRP B 57 10.37 1.94 10.09
N HIS B 58 9.90 2.58 11.17
CA HIS B 58 8.49 2.89 11.38
C HIS B 58 7.64 1.66 11.08
N GLY B 59 8.03 0.54 11.66
CA GLY B 59 7.40 -0.73 11.39
C GLY B 59 8.30 -1.57 10.50
N ASP B 60 7.88 -2.81 10.27
CA ASP B 60 8.64 -3.79 9.51
C ASP B 60 8.86 -3.33 8.07
N VAL B 61 10.07 -3.57 7.56
CA VAL B 61 10.41 -3.27 6.15
C VAL B 61 11.30 -4.37 5.57
N ALA B 62 11.40 -4.43 4.26
CA ALA B 62 12.49 -5.18 3.67
C ALA B 62 13.55 -4.21 3.17
N VAL B 63 14.81 -4.64 3.21
CA VAL B 63 15.94 -3.81 2.75
C VAL B 63 16.79 -4.60 1.78
N LYS B 64 17.02 -4.02 0.61
CA LYS B 64 17.96 -4.62 -0.34
C LYS B 64 19.29 -3.88 -0.31
N MET B 65 20.27 -4.49 0.35
CA MET B 65 21.66 -4.05 0.35
C MET B 65 22.22 -4.22 -1.06
N LEU B 66 22.55 -3.12 -1.73
CA LEU B 66 23.17 -3.21 -3.06
C LEU B 66 24.58 -3.76 -2.95
N ASN B 67 25.09 -3.77 -1.70
CA ASN B 67 26.47 -4.17 -1.35
C ASN B 67 27.55 -3.87 -2.41
N VAL B 68 27.62 -2.59 -2.79
CA VAL B 68 28.70 -2.06 -3.64
C VAL B 68 29.40 -0.90 -2.89
N THR B 69 29.73 -1.16 -1.61
CA THR B 69 30.24 -0.15 -0.66
C THR B 69 31.36 0.69 -1.27
N ALA B 70 31.49 1.92 -0.77
CA ALA B 70 32.25 3.00 -1.41
C ALA B 70 31.95 3.11 -2.92
N PRO B 71 30.73 3.55 -3.25
CA PRO B 71 30.56 4.27 -4.52
C PRO B 71 31.09 5.69 -4.27
N THR B 72 31.93 6.28 -5.14
CA THR B 72 32.14 6.05 -6.58
C THR B 72 31.34 7.09 -7.38
N PRO B 73 31.18 8.33 -6.84
CA PRO B 73 30.46 9.33 -7.63
C PRO B 73 31.14 9.44 -8.99
N GLN B 74 30.39 9.19 -10.04
CA GLN B 74 28.96 8.94 -9.88
C GLN B 74 28.47 7.59 -10.45
N GLN B 75 28.37 6.59 -9.57
CA GLN B 75 27.49 5.45 -9.76
C GLN B 75 26.35 5.71 -8.78
N LEU B 76 26.70 6.50 -7.76
CA LEU B 76 25.77 7.21 -6.88
C LEU B 76 24.73 7.96 -7.72
N GLN B 77 25.20 8.59 -8.81
CA GLN B 77 24.31 9.29 -9.74
C GLN B 77 23.38 8.35 -10.52
N ALA B 78 23.94 7.34 -11.17
CA ALA B 78 23.13 6.36 -11.90
C ALA B 78 22.07 5.71 -11.00
N PHE B 79 22.50 5.38 -9.79
CA PHE B 79 21.67 4.79 -8.75
C PHE B 79 20.51 5.70 -8.39
N LYS B 80 20.83 6.90 -7.90
CA LYS B 80 19.81 7.89 -7.55
C LYS B 80 18.83 8.11 -8.69
N ASN B 81 19.32 7.93 -9.92
CA ASN B 81 18.48 7.98 -11.11
C ASN B 81 17.59 6.76 -11.21
N GLU B 82 18.12 5.60 -10.83
CA GLU B 82 17.31 4.39 -10.72
C GLU B 82 16.13 4.60 -9.76
N VAL B 83 16.45 5.24 -8.62
CA VAL B 83 15.46 5.64 -7.62
C VAL B 83 14.37 6.47 -8.28
N GLY B 84 14.77 7.50 -9.03
CA GLY B 84 13.83 8.31 -9.80
C GLY B 84 12.65 7.52 -10.35
N VAL B 85 12.94 6.29 -10.76
CA VAL B 85 11.95 5.41 -11.39
C VAL B 85 11.00 4.81 -10.35
N LEU B 86 11.56 4.30 -9.26
CA LEU B 86 10.74 3.74 -8.18
C LEU B 86 9.80 4.79 -7.60
N ARG B 87 10.33 5.98 -7.36
CA ARG B 87 9.47 7.08 -6.89
C ARG B 87 8.48 7.54 -7.96
N LYS B 88 8.55 7.00 -9.16
CA LYS B 88 7.51 7.27 -10.15
C LYS B 88 6.30 6.38 -9.89
N THR B 89 6.40 5.47 -8.92
CA THR B 89 5.34 4.50 -8.72
C THR B 89 4.56 4.62 -7.40
N ARG B 90 3.26 4.88 -7.54
CA ARG B 90 2.30 4.83 -6.45
C ARG B 90 1.10 3.99 -6.88
N HIS B 91 1.07 2.73 -6.45
CA HIS B 91 -0.01 1.84 -6.82
C HIS B 91 -0.08 0.54 -6.01
N VAL B 92 -1.30 0.16 -5.63
CA VAL B 92 -1.58 -1.02 -4.78
C VAL B 92 -0.89 -2.34 -5.20
N ASN B 93 -0.78 -2.58 -6.49
CA ASN B 93 -0.24 -3.86 -6.94
C ASN B 93 1.27 -3.85 -7.15
N ILE B 94 1.87 -2.67 -6.97
CA ILE B 94 3.30 -2.55 -7.06
C ILE B 94 3.92 -2.38 -5.68
N LEU B 95 4.84 -3.29 -5.34
CA LEU B 95 5.60 -3.20 -4.09
C LEU B 95 5.91 -1.74 -3.80
N LEU B 96 5.49 -1.29 -2.62
CA LEU B 96 5.60 0.10 -2.25
C LEU B 96 7.02 0.44 -1.84
N PHE B 97 7.61 1.36 -2.58
CA PHE B 97 8.89 1.91 -2.26
C PHE B 97 8.66 2.89 -1.13
N MET B 98 9.46 2.79 -0.07
CA MET B 98 9.34 3.71 1.08
C MET B 98 10.53 4.67 1.18
N GLY B 99 11.70 4.20 0.77
CA GLY B 99 12.91 5.05 0.76
C GLY B 99 14.20 4.38 0.31
N TYR B 100 15.25 5.17 0.18
CA TYR B 100 16.59 4.62 -0.04
C TYR B 100 17.53 5.24 0.94
N SER B 101 18.69 4.62 1.09
CA SER B 101 19.72 5.15 1.94
C SER B 101 21.03 4.93 1.24
N THR B 102 21.96 5.83 1.54
CA THR B 102 23.31 5.76 1.00
C THR B 102 24.29 5.41 2.10
N LYS B 103 24.14 6.05 3.25
CA LYS B 103 25.26 6.18 4.15
C LYS B 103 25.83 4.90 4.78
N PRO B 104 25.03 4.13 5.54
CA PRO B 104 25.68 2.89 5.98
C PRO B 104 26.34 2.16 4.79
N GLN B 105 25.66 2.21 3.63
CA GLN B 105 26.05 1.57 2.38
C GLN B 105 24.77 1.59 1.55
N LEU B 106 24.91 1.73 0.23
CA LEU B 106 23.76 1.76 -0.68
C LEU B 106 22.72 0.70 -0.37
N ALA B 107 21.46 1.11 -0.35
CA ALA B 107 20.35 0.19 -0.11
C ALA B 107 19.00 0.78 -0.46
N ILE B 108 18.04 -0.11 -0.70
CA ILE B 108 16.64 0.23 -0.99
C ILE B 108 15.68 -0.38 0.05
N VAL B 109 14.67 0.40 0.44
CA VAL B 109 13.69 -0.01 1.45
C VAL B 109 12.27 -0.06 0.88
N THR B 110 11.61 -1.18 1.09
CA THR B 110 10.19 -1.31 0.73
C THR B 110 9.36 -1.79 1.90
N GLN B 111 8.05 -1.68 1.79
CA GLN B 111 7.18 -2.31 2.75
C GLN B 111 7.50 -3.80 2.81
N TRP B 112 7.40 -4.37 4.00
CA TRP B 112 7.58 -5.81 4.19
C TRP B 112 6.29 -6.52 3.80
N CYS B 113 6.37 -7.73 3.26
CA CYS B 113 5.16 -8.50 2.92
C CYS B 113 4.94 -9.71 3.79
N GLU B 114 3.86 -9.67 4.55
CA GLU B 114 3.48 -10.80 5.36
C GLU B 114 2.79 -11.78 4.44
N GLY B 115 3.51 -12.84 4.09
CA GLY B 115 3.05 -13.87 3.15
C GLY B 115 4.18 -14.58 2.44
N SER B 116 3.97 -14.96 1.18
CA SER B 116 4.96 -15.71 0.44
C SER B 116 4.79 -15.45 -1.05
N SER B 117 5.86 -15.69 -1.81
CA SER B 117 5.93 -15.41 -3.25
C SER B 117 5.13 -16.40 -4.08
N LEU B 118 4.48 -15.89 -5.10
CA LEU B 118 3.73 -16.71 -6.03
C LEU B 118 4.48 -17.97 -6.39
N TYR B 119 5.79 -17.81 -6.58
CA TYR B 119 6.69 -18.94 -6.78
C TYR B 119 6.63 -19.90 -5.59
N HIS B 120 7.09 -19.43 -4.44
CA HIS B 120 7.10 -20.19 -3.19
C HIS B 120 5.81 -20.98 -2.99
N HIS B 121 4.67 -20.29 -3.07
CA HIS B 121 3.37 -20.93 -2.96
C HIS B 121 3.26 -22.09 -3.92
N LEU B 122 3.43 -21.78 -5.20
CA LEU B 122 3.11 -22.70 -6.30
C LEU B 122 4.07 -23.87 -6.38
N HIS B 123 5.37 -23.58 -6.26
CA HIS B 123 6.37 -24.56 -6.59
C HIS B 123 7.18 -25.11 -5.42
N ILE B 124 7.10 -24.49 -4.24
CA ILE B 124 7.76 -25.06 -3.05
C ILE B 124 6.75 -25.62 -2.04
N ILE B 125 5.84 -24.79 -1.54
CA ILE B 125 4.87 -25.28 -0.54
C ILE B 125 3.62 -25.87 -1.19
N GLU B 126 3.52 -25.80 -2.51
CA GLU B 126 2.44 -26.43 -3.29
C GLU B 126 1.05 -26.04 -2.83
N THR B 127 0.71 -24.76 -2.87
CA THR B 127 -0.61 -24.31 -2.42
C THR B 127 -1.69 -24.59 -3.47
N LYS B 128 -2.70 -25.35 -3.07
CA LYS B 128 -3.81 -25.61 -3.96
C LYS B 128 -4.72 -24.38 -3.91
N PHE B 129 -4.67 -23.54 -4.95
CA PHE B 129 -5.56 -22.39 -5.01
C PHE B 129 -6.85 -22.75 -5.66
N GLU B 130 -7.89 -22.05 -5.23
CA GLU B 130 -9.14 -22.03 -5.96
C GLU B 130 -8.85 -21.51 -7.36
N MET B 131 -9.51 -22.07 -8.34
CA MET B 131 -9.44 -21.55 -9.71
C MET B 131 -9.76 -20.06 -9.71
N ILE B 132 -10.78 -19.67 -8.96
CA ILE B 132 -11.18 -18.27 -8.83
C ILE B 132 -9.98 -17.41 -8.38
N LYS B 133 -9.34 -17.83 -7.28
CA LYS B 133 -8.15 -17.15 -6.78
C LYS B 133 -7.05 -17.03 -7.80
N LEU B 134 -6.86 -18.09 -8.58
CA LEU B 134 -5.87 -18.08 -9.65
C LEU B 134 -6.17 -16.95 -10.60
N ILE B 135 -7.38 -16.94 -11.14
CA ILE B 135 -7.78 -15.87 -12.05
C ILE B 135 -7.54 -14.51 -11.41
N ASP B 136 -7.91 -14.38 -10.13
CA ASP B 136 -7.71 -13.11 -9.43
C ASP B 136 -6.24 -12.68 -9.36
N ILE B 137 -5.36 -13.59 -8.93
CA ILE B 137 -3.93 -13.30 -8.87
C ILE B 137 -3.41 -12.82 -10.23
N ALA B 138 -3.80 -13.50 -11.30
CA ALA B 138 -3.47 -13.03 -12.64
C ALA B 138 -3.97 -11.61 -12.82
N ARG B 139 -5.25 -11.38 -12.51
CA ARG B 139 -5.86 -10.06 -12.71
C ARG B 139 -5.06 -8.96 -12.02
N GLN B 140 -4.67 -9.20 -10.77
CA GLN B 140 -3.93 -8.20 -10.02
C GLN B 140 -2.54 -8.02 -10.59
N THR B 141 -1.92 -9.12 -10.98
CA THR B 141 -0.65 -9.06 -11.66
C THR B 141 -0.82 -8.26 -12.92
N ALA B 142 -1.86 -8.58 -13.68
CA ALA B 142 -2.18 -7.82 -14.87
C ALA B 142 -2.28 -6.32 -14.56
N GLN B 143 -3.22 -5.97 -13.68
CA GLN B 143 -3.40 -4.60 -13.16
C GLN B 143 -2.07 -3.87 -13.01
N GLY B 144 -1.23 -4.37 -12.08
CA GLY B 144 0.09 -3.79 -11.78
C GLY B 144 0.96 -3.46 -12.97
N MET B 145 1.18 -4.47 -13.82
CA MET B 145 2.00 -4.35 -15.03
C MET B 145 1.47 -3.24 -15.91
N ASP B 146 0.17 -3.26 -16.15
CA ASP B 146 -0.45 -2.25 -16.96
C ASP B 146 -0.14 -0.86 -16.42
N TYR B 147 -0.18 -0.72 -15.10
CA TYR B 147 0.16 0.55 -14.46
C TYR B 147 1.60 0.93 -14.75
N LEU B 148 2.49 -0.06 -14.67
CA LEU B 148 3.91 0.18 -14.94
C LEU B 148 4.12 0.68 -16.35
N HIS B 149 3.46 0.04 -17.31
CA HIS B 149 3.57 0.42 -18.71
C HIS B 149 2.89 1.74 -18.96
N ALA B 150 1.90 2.07 -18.14
CA ALA B 150 1.28 3.38 -18.19
C ALA B 150 2.32 4.47 -17.89
N LYS B 151 3.17 4.22 -16.91
CA LYS B 151 4.18 5.20 -16.52
C LYS B 151 5.49 4.94 -17.26
N SER B 152 5.36 4.23 -18.38
CA SER B 152 6.48 3.86 -19.27
C SER B 152 7.63 3.28 -18.48
N ILE B 153 7.40 2.10 -17.91
CA ILE B 153 8.41 1.38 -17.16
C ILE B 153 8.33 -0.07 -17.56
N ILE B 154 9.42 -0.53 -18.20
CA ILE B 154 9.56 -1.94 -18.53
C ILE B 154 10.20 -2.64 -17.33
N HIS B 155 9.63 -3.79 -16.99
CA HIS B 155 10.03 -4.52 -15.80
C HIS B 155 11.30 -5.28 -16.07
N ARG B 156 11.39 -5.81 -17.29
CA ARG B 156 12.58 -6.48 -17.77
C ARG B 156 12.87 -7.81 -17.07
N ASP B 157 12.11 -8.13 -16.03
CA ASP B 157 12.36 -9.33 -15.24
C ASP B 157 11.19 -9.73 -14.33
N LEU B 158 9.99 -9.75 -14.88
CA LEU B 158 8.87 -10.35 -14.15
C LEU B 158 9.18 -11.83 -13.99
N LYS B 159 8.75 -12.40 -12.88
CA LYS B 159 8.73 -13.86 -12.70
C LYS B 159 7.89 -14.18 -11.48
N SER B 160 7.40 -15.42 -11.38
CA SER B 160 6.60 -15.80 -10.22
C SER B 160 7.38 -15.55 -8.95
N ASN B 161 8.68 -15.38 -9.09
CA ASN B 161 9.54 -15.17 -7.97
C ASN B 161 9.44 -13.75 -7.42
N ASN B 162 8.92 -12.85 -8.23
CA ASN B 162 8.84 -11.43 -7.88
C ASN B 162 7.44 -10.98 -7.57
N ILE B 163 6.50 -11.90 -7.65
CA ILE B 163 5.14 -11.58 -7.30
C ILE B 163 4.88 -12.09 -5.90
N PHE B 164 4.76 -11.18 -4.95
CA PHE B 164 4.52 -11.52 -3.55
C PHE B 164 3.05 -11.36 -3.27
N LEU B 165 2.45 -12.40 -2.73
CA LEU B 165 1.07 -12.33 -2.36
C LEU B 165 0.92 -11.87 -0.92
N HIS B 166 0.87 -10.56 -0.73
CA HIS B 166 0.76 -9.98 0.60
C HIS B 166 -0.54 -10.40 1.26
N GLU B 167 -0.41 -10.90 2.49
CA GLU B 167 -1.55 -11.37 3.30
C GLU B 167 -2.49 -12.33 2.54
N ASP B 168 -1.92 -12.99 1.53
CA ASP B 168 -2.61 -13.99 0.71
C ASP B 168 -3.76 -13.48 -0.14
N LEU B 169 -3.91 -12.17 -0.28
CA LEU B 169 -4.87 -11.61 -1.25
C LEU B 169 -4.39 -10.45 -2.10
N THR B 170 -3.46 -9.66 -1.58
CA THR B 170 -2.96 -8.55 -2.38
C THR B 170 -1.65 -8.92 -3.11
N VAL B 171 -1.66 -8.79 -4.43
CA VAL B 171 -0.51 -9.10 -5.27
C VAL B 171 0.40 -7.87 -5.35
N LYS B 172 1.66 -8.02 -4.91
CA LYS B 172 2.63 -6.93 -5.00
C LYS B 172 3.77 -7.22 -5.96
N ILE B 173 3.81 -6.53 -7.10
CA ILE B 173 4.91 -6.72 -8.05
C ILE B 173 6.13 -5.94 -7.58
N GLY B 174 7.27 -6.62 -7.48
CA GLY B 174 8.52 -5.96 -7.10
C GLY B 174 9.73 -6.34 -7.94
N ASP B 175 10.89 -5.81 -7.57
CA ASP B 175 12.18 -6.16 -8.19
C ASP B 175 12.35 -5.70 -9.65
N PHE B 176 11.68 -4.63 -10.04
CA PHE B 176 11.84 -4.09 -11.39
C PHE B 176 12.96 -3.05 -11.49
N GLY B 177 13.19 -2.28 -10.42
CA GLY B 177 14.19 -1.21 -10.41
C GLY B 177 15.59 -1.68 -10.78
N LEU B 178 16.40 -0.76 -11.31
CA LEU B 178 17.80 -1.05 -11.71
C LEU B 178 17.89 -1.91 -12.99
N SER B 195 20.35 -14.15 -16.05
CA SER B 195 21.01 -15.30 -15.46
C SER B 195 20.05 -16.50 -15.28
N GLY B 196 20.04 -17.09 -14.08
CA GLY B 196 19.31 -18.33 -13.83
C GLY B 196 17.82 -18.14 -13.55
N SER B 197 17.11 -17.56 -14.51
CA SER B 197 15.65 -17.43 -14.49
C SER B 197 15.21 -17.07 -15.92
N ILE B 198 15.30 -18.07 -16.79
CA ILE B 198 15.21 -17.84 -18.22
C ILE B 198 13.92 -18.37 -18.80
N LEU B 199 13.19 -19.10 -17.96
CA LEU B 199 11.91 -19.67 -18.31
C LEU B 199 10.88 -18.61 -18.68
N TRP B 200 11.13 -17.37 -18.23
CA TRP B 200 10.18 -16.25 -18.44
C TRP B 200 10.59 -15.35 -19.60
N MET B 201 11.82 -15.53 -20.09
CA MET B 201 12.36 -14.75 -21.19
C MET B 201 11.76 -15.12 -22.55
N ALA B 202 11.21 -14.12 -23.22
CA ALA B 202 10.72 -14.30 -24.58
C ALA B 202 11.89 -14.64 -25.47
N PRO B 203 11.69 -15.53 -26.48
CA PRO B 203 12.79 -15.87 -27.37
C PRO B 203 13.54 -14.63 -27.83
N GLU B 204 12.77 -13.65 -28.31
CA GLU B 204 13.29 -12.37 -28.73
C GLU B 204 14.37 -11.84 -27.80
N VAL B 205 14.28 -12.20 -26.52
CA VAL B 205 15.23 -11.76 -25.49
C VAL B 205 16.34 -12.79 -25.31
N ILE B 206 15.97 -14.06 -25.24
CA ILE B 206 16.92 -15.15 -25.15
C ILE B 206 17.96 -14.97 -26.24
N ARG B 207 17.54 -15.19 -27.48
CA ARG B 207 18.28 -14.84 -28.66
C ARG B 207 18.38 -13.32 -28.63
N MET B 208 19.60 -12.79 -28.75
CA MET B 208 19.85 -11.36 -28.45
C MET B 208 19.97 -10.51 -29.72
N GLN B 209 18.96 -10.61 -30.59
CA GLN B 209 18.99 -10.10 -31.97
C GLN B 209 19.52 -8.66 -32.15
N ASP B 210 19.43 -7.84 -31.11
CA ASP B 210 20.15 -6.53 -31.11
C ASP B 210 20.63 -6.03 -29.73
N LYS B 211 20.51 -4.72 -29.52
CA LYS B 211 20.88 -4.06 -28.28
C LYS B 211 19.69 -4.02 -27.29
N ASN B 212 18.49 -3.74 -27.83
CA ASN B 212 17.25 -3.64 -27.02
C ASN B 212 16.04 -4.50 -27.49
N PRO B 213 15.98 -5.73 -26.94
CA PRO B 213 14.93 -6.73 -27.13
C PRO B 213 13.79 -6.57 -26.13
N TYR B 214 14.06 -5.82 -25.06
CA TYR B 214 13.11 -5.64 -23.97
C TYR B 214 12.01 -4.68 -24.33
N SER B 215 10.83 -5.21 -24.61
CA SER B 215 9.69 -4.37 -24.86
C SER B 215 8.59 -4.62 -23.84
N PHE B 216 7.53 -3.85 -23.96
CA PHE B 216 6.29 -4.16 -23.29
C PHE B 216 6.04 -5.63 -23.57
N GLN B 217 6.14 -6.02 -24.85
CA GLN B 217 5.86 -7.38 -25.27
C GLN B 217 6.77 -8.42 -24.62
N SER B 218 8.06 -8.13 -24.52
CA SER B 218 8.91 -9.00 -23.77
C SER B 218 8.26 -9.23 -22.40
N ASP B 219 7.72 -8.17 -21.80
CA ASP B 219 7.08 -8.26 -20.50
C ASP B 219 5.80 -9.10 -20.55
N VAL B 220 5.06 -8.97 -21.64
CA VAL B 220 3.85 -9.76 -21.81
C VAL B 220 4.13 -11.26 -21.89
N TYR B 221 5.19 -11.63 -22.59
CA TYR B 221 5.64 -13.03 -22.59
C TYR B 221 5.87 -13.57 -21.17
N ALA B 222 6.74 -12.89 -20.43
CA ALA B 222 6.98 -13.23 -19.03
C ALA B 222 5.65 -13.45 -18.31
N PHE B 223 4.77 -12.46 -18.37
CA PHE B 223 3.47 -12.58 -17.75
C PHE B 223 2.74 -13.84 -18.22
N GLY B 224 2.79 -14.09 -19.54
CA GLY B 224 2.18 -15.27 -20.14
C GLY B 224 2.65 -16.56 -19.50
N ILE B 225 3.93 -16.60 -19.10
CA ILE B 225 4.47 -17.77 -18.43
C ILE B 225 3.96 -17.88 -16.99
N VAL B 226 3.98 -16.78 -16.25
CA VAL B 226 3.36 -16.81 -14.92
C VAL B 226 1.84 -17.11 -14.99
N LEU B 227 1.19 -16.86 -16.13
CA LEU B 227 -0.19 -17.30 -16.34
C LEU B 227 -0.18 -18.78 -16.37
N TYR B 228 0.73 -19.32 -17.18
CA TYR B 228 0.94 -20.75 -17.31
C TYR B 228 1.20 -21.39 -15.95
N GLU B 229 2.06 -20.78 -15.15
CA GLU B 229 2.37 -21.29 -13.83
C GLU B 229 1.09 -21.48 -13.06
N LEU B 230 0.27 -20.42 -13.06
CA LEU B 230 -0.98 -20.37 -12.31
C LEU B 230 -1.91 -21.43 -12.82
N MET B 231 -1.89 -21.64 -14.12
CA MET B 231 -2.87 -22.51 -14.72
C MET B 231 -2.52 -23.98 -14.70
N THR B 232 -1.23 -24.30 -14.52
CA THR B 232 -0.78 -25.70 -14.57
C THR B 232 -0.12 -26.15 -13.27
N GLY B 233 0.00 -25.23 -12.32
CA GLY B 233 0.64 -25.52 -11.04
C GLY B 233 2.16 -25.64 -11.13
N GLN B 234 2.70 -25.69 -12.35
CA GLN B 234 4.12 -26.05 -12.53
C GLN B 234 4.87 -25.10 -13.43
N LEU B 235 6.16 -25.41 -13.57
CA LEU B 235 7.06 -24.65 -14.43
C LEU B 235 6.99 -25.13 -15.89
N PRO B 236 7.38 -24.27 -16.84
CA PRO B 236 7.60 -24.82 -18.16
C PRO B 236 8.83 -25.74 -18.19
N TYR B 237 8.83 -26.66 -19.16
CA TYR B 237 9.95 -27.55 -19.48
C TYR B 237 10.38 -28.35 -18.27
N SER B 238 9.48 -28.40 -17.28
CA SER B 238 9.68 -29.14 -16.04
C SER B 238 10.38 -30.49 -16.26
N ASN B 239 10.38 -30.96 -17.49
CA ASN B 239 10.95 -32.25 -17.81
C ASN B 239 12.23 -32.15 -18.63
N ILE B 240 13.07 -31.16 -18.34
CA ILE B 240 14.33 -31.05 -19.07
C ILE B 240 15.46 -30.58 -18.17
N ASN B 241 16.29 -31.53 -17.72
CA ASN B 241 17.26 -31.29 -16.65
C ASN B 241 18.42 -30.40 -17.04
N ASN B 242 18.48 -29.99 -18.31
CA ASN B 242 19.58 -29.21 -18.83
C ASN B 242 19.22 -27.79 -19.29
N ARG B 243 19.84 -26.79 -18.67
CA ARG B 243 19.51 -25.39 -18.92
C ARG B 243 19.82 -24.87 -20.33
N ASP B 244 21.04 -25.09 -20.81
CA ASP B 244 21.51 -24.49 -22.05
C ASP B 244 20.72 -24.99 -23.23
N GLN B 245 20.25 -26.22 -23.13
CA GLN B 245 19.30 -26.78 -24.10
C GLN B 245 18.03 -25.94 -24.17
N ILE B 246 17.42 -25.73 -23.02
CA ILE B 246 16.27 -24.88 -22.87
C ILE B 246 16.52 -23.50 -23.46
N ILE B 247 17.68 -22.92 -23.13
CA ILE B 247 18.08 -21.64 -23.70
C ILE B 247 18.13 -21.80 -25.21
N PHE B 248 18.94 -22.72 -25.69
CA PHE B 248 19.08 -22.91 -27.12
C PHE B 248 17.78 -23.20 -27.86
N MET B 249 16.93 -24.03 -27.28
CA MET B 249 15.71 -24.45 -27.95
C MET B 249 14.66 -23.35 -28.05
N VAL B 250 14.29 -22.76 -26.92
CA VAL B 250 13.39 -21.62 -26.90
C VAL B 250 13.96 -20.46 -27.72
N GLY B 251 15.29 -20.37 -27.75
CA GLY B 251 15.96 -19.38 -28.55
C GLY B 251 15.72 -19.60 -30.02
N ARG B 252 16.07 -20.80 -30.50
CA ARG B 252 15.91 -21.10 -31.91
C ARG B 252 14.48 -21.44 -32.28
N GLY B 253 13.63 -21.66 -31.26
CA GLY B 253 12.18 -21.82 -31.45
C GLY B 253 11.69 -23.24 -31.65
N TYR B 254 12.40 -24.19 -31.06
CA TYR B 254 12.03 -25.60 -31.12
C TYR B 254 11.22 -26.02 -29.90
N LEU B 255 11.41 -25.32 -28.79
CA LEU B 255 10.82 -25.71 -27.52
C LEU B 255 9.85 -24.64 -27.09
N SER B 256 8.57 -24.99 -27.05
CA SER B 256 7.53 -24.09 -26.59
C SER B 256 6.82 -24.73 -25.39
N PRO B 257 6.36 -23.91 -24.41
CA PRO B 257 5.62 -24.44 -23.25
C PRO B 257 4.42 -25.28 -23.62
N ASP B 258 4.30 -26.46 -22.98
CA ASP B 258 3.22 -27.41 -23.19
C ASP B 258 1.88 -26.95 -22.62
N LEU B 259 0.97 -26.58 -23.51
CA LEU B 259 -0.30 -25.99 -23.11
C LEU B 259 -1.39 -27.03 -22.84
N SER B 260 -1.06 -28.29 -23.02
CA SER B 260 -2.03 -29.34 -22.77
C SER B 260 -2.09 -29.64 -21.28
N LYS B 261 -1.31 -28.91 -20.50
CA LYS B 261 -1.26 -29.14 -19.07
C LYS B 261 -2.18 -28.18 -18.31
N VAL B 262 -2.90 -27.35 -19.06
CA VAL B 262 -3.83 -26.38 -18.46
C VAL B 262 -5.10 -27.11 -18.04
N ARG B 263 -5.19 -27.40 -16.74
CA ARG B 263 -6.18 -28.38 -16.30
C ARG B 263 -7.61 -27.93 -16.51
N SER B 264 -8.29 -28.70 -17.39
CA SER B 264 -9.75 -28.85 -17.49
C SER B 264 -10.61 -27.61 -17.20
N ASN B 265 -10.52 -27.13 -15.95
CA ASN B 265 -11.32 -26.04 -15.42
C ASN B 265 -10.75 -24.63 -15.60
N CYS B 266 -9.53 -24.52 -16.12
CA CYS B 266 -9.07 -23.23 -16.62
C CYS B 266 -9.98 -22.93 -17.82
N PRO B 267 -10.69 -21.79 -17.78
CA PRO B 267 -11.67 -21.47 -18.81
C PRO B 267 -10.99 -21.18 -20.13
N LYS B 268 -11.72 -21.42 -21.22
CA LYS B 268 -11.15 -21.30 -22.56
C LYS B 268 -10.59 -19.91 -22.81
N ALA B 269 -11.33 -18.89 -22.38
CA ALA B 269 -10.91 -17.51 -22.62
C ALA B 269 -9.53 -17.28 -22.03
N MET B 270 -9.29 -17.81 -20.83
CA MET B 270 -8.01 -17.69 -20.11
C MET B 270 -6.90 -18.46 -20.78
N LYS B 271 -7.23 -19.67 -21.22
CA LYS B 271 -6.28 -20.53 -21.94
C LYS B 271 -5.89 -19.91 -23.27
N ARG B 272 -6.89 -19.33 -23.96
CA ARG B 272 -6.67 -18.62 -25.21
C ARG B 272 -5.85 -17.35 -24.98
N LEU B 273 -6.13 -16.66 -23.88
CA LEU B 273 -5.34 -15.50 -23.49
C LEU B 273 -3.88 -15.84 -23.16
N MET B 274 -3.64 -17.04 -22.65
CA MET B 274 -2.30 -17.57 -22.44
C MET B 274 -1.63 -17.79 -23.79
N ALA B 275 -2.27 -18.60 -24.63
CA ALA B 275 -1.89 -18.72 -26.04
C ALA B 275 -1.44 -17.37 -26.63
N GLU B 276 -2.28 -16.35 -26.48
CA GLU B 276 -1.97 -15.01 -26.96
C GLU B 276 -0.66 -14.47 -26.41
N CYS B 277 -0.52 -14.45 -25.09
CA CYS B 277 0.60 -13.77 -24.46
C CYS B 277 1.95 -14.36 -24.81
N LEU B 278 1.92 -15.63 -25.20
CA LEU B 278 3.11 -16.39 -25.50
C LEU B 278 3.50 -16.41 -26.98
N LYS B 279 2.59 -16.04 -27.87
CA LYS B 279 2.92 -16.00 -29.30
C LYS B 279 4.38 -15.59 -29.45
N LYS B 280 5.17 -16.31 -30.23
CA LYS B 280 6.61 -16.01 -30.28
C LYS B 280 6.95 -14.72 -31.04
N LYS B 281 6.17 -14.38 -32.07
CA LYS B 281 6.31 -13.06 -32.72
C LYS B 281 5.66 -12.08 -31.78
N ARG B 282 6.43 -11.08 -31.34
CA ARG B 282 5.97 -10.18 -30.29
C ARG B 282 4.84 -9.27 -30.73
N ASP B 283 4.84 -8.88 -32.00
CA ASP B 283 3.76 -8.07 -32.53
C ASP B 283 2.39 -8.68 -32.32
N GLU B 284 2.32 -10.00 -32.33
CA GLU B 284 1.06 -10.72 -32.18
C GLU B 284 0.64 -10.83 -30.72
N ARG B 285 1.52 -10.39 -29.83
CA ARG B 285 1.22 -10.39 -28.40
C ARG B 285 0.37 -9.17 -28.06
N PRO B 286 -0.73 -9.39 -27.30
CA PRO B 286 -1.53 -8.28 -26.81
C PRO B 286 -0.90 -7.62 -25.59
N LEU B 287 -0.99 -6.29 -25.51
CA LEU B 287 -0.52 -5.50 -24.38
C LEU B 287 -1.56 -5.52 -23.26
N PHE B 288 -1.20 -4.99 -22.09
CA PHE B 288 -2.06 -5.08 -20.89
C PHE B 288 -3.43 -4.35 -20.93
N PRO B 289 -3.49 -3.11 -21.49
CA PRO B 289 -4.79 -2.58 -21.82
C PRO B 289 -5.72 -3.70 -22.23
N GLN B 290 -5.44 -4.37 -23.35
CA GLN B 290 -6.30 -5.45 -23.82
C GLN B 290 -6.23 -6.71 -22.93
N ILE B 291 -5.06 -6.99 -22.37
CA ILE B 291 -4.92 -8.16 -21.49
C ILE B 291 -5.88 -8.07 -20.31
N LEU B 292 -5.98 -6.88 -19.73
CA LEU B 292 -6.81 -6.65 -18.57
C LEU B 292 -8.28 -6.88 -18.93
N ALA B 293 -8.67 -6.37 -20.09
CA ALA B 293 -10.04 -6.51 -20.57
C ALA B 293 -10.46 -7.97 -20.60
N SER B 294 -9.72 -8.80 -21.35
CA SER B 294 -10.07 -10.22 -21.52
C SER B 294 -10.30 -10.93 -20.20
N ILE B 295 -9.47 -10.66 -19.20
CA ILE B 295 -9.63 -11.28 -17.87
C ILE B 295 -10.89 -10.76 -17.19
N GLU B 296 -10.96 -9.43 -17.03
CA GLU B 296 -12.07 -8.77 -16.32
C GLU B 296 -13.45 -9.09 -16.91
N LEU B 297 -13.44 -9.63 -18.12
CA LEU B 297 -14.64 -10.07 -18.82
C LEU B 297 -15.02 -11.45 -18.36
N LEU B 298 -14.03 -12.30 -18.14
CA LEU B 298 -14.30 -13.62 -17.64
C LEU B 298 -14.28 -13.63 -16.11
N ALA B 299 -13.97 -12.46 -15.52
CA ALA B 299 -14.05 -12.27 -14.07
C ALA B 299 -15.52 -12.13 -13.62
N ARG B 300 -16.25 -11.26 -14.33
CA ARG B 300 -17.71 -11.16 -14.20
C ARG B 300 -18.35 -12.52 -14.40
N SER B 301 -17.92 -13.20 -15.47
CA SER B 301 -18.51 -14.46 -15.90
C SER B 301 -18.37 -15.64 -14.93
N LEU B 302 -17.71 -15.43 -13.80
CA LEU B 302 -17.51 -16.52 -12.83
C LEU B 302 -17.17 -16.14 -11.35
N PRO B 303 -17.95 -15.22 -10.72
CA PRO B 303 -17.91 -15.38 -9.26
C PRO B 303 -19.05 -16.34 -8.82
N LYS B 304 -19.68 -16.96 -9.84
CA LYS B 304 -20.68 -18.07 -9.73
C LYS B 304 -20.79 -18.82 -11.08
O1 RI9 C . -12.24 9.67 2.12
C2 RI9 C . -11.83 8.66 1.56
N3 RI9 C . -12.39 7.46 1.72
C4 RI9 C . -12.05 6.20 1.16
N5 RI9 C . -10.95 5.96 0.42
C6 RI9 C . -10.78 4.70 -0.02
N7 RI9 C . -11.59 3.65 0.20
C8 RI9 C . -12.70 3.86 0.94
C9 RI9 C . -12.95 5.15 1.43
N10 RI9 C . -13.54 2.82 1.18
N11 RI9 C . -10.80 8.66 0.71
C12 RI9 C . -9.98 9.76 0.34
C13 RI9 C . -9.24 10.42 1.35
C14 RI9 C . -8.42 11.52 1.04
C15 RI9 C . -8.27 11.92 -0.31
C16 RI9 C . -9.01 11.27 -1.33
C17 RI9 C . -9.85 10.20 -1.00
F18 RI9 C . -10.53 9.59 -1.98
F19 RI9 C . -9.37 9.99 2.62
N20 RI9 C . -7.69 12.07 2.01
S21 RI9 C . -6.36 13.17 1.85
C22 RI9 C . -5.05 12.26 0.93
O23 RI9 C . -6.88 14.28 1.05
O24 RI9 C . -5.84 13.41 3.21
C25 RI9 C . -4.14 11.48 1.89
C26 RI9 C . -4.20 9.95 1.60
C27 RI9 C . -14.23 2.50 2.55
C28 RI9 C . -15.92 2.69 2.03
O29 RI9 C . -16.40 1.27 2.36
O1 RI9 D . 13.25 -8.25 -3.04
C2 RI9 D . 12.40 -7.94 -2.19
N3 RI9 D . 11.65 -8.81 -1.49
C4 RI9 D . 10.67 -8.51 -0.52
N5 RI9 D . 10.26 -7.27 -0.20
C6 RI9 D . 9.30 -7.13 0.74
N7 RI9 D . 8.71 -8.14 1.42
C8 RI9 D . 9.10 -9.39 1.12
C9 RI9 D . 10.09 -9.62 0.14
N10 RI9 D . 8.54 -10.42 1.76
N11 RI9 D . 12.11 -6.68 -1.84
C12 RI9 D . 12.69 -5.51 -2.39
C13 RI9 D . 12.38 -5.27 -3.74
C14 RI9 D . 12.93 -4.16 -4.38
C15 RI9 D . 13.73 -3.24 -3.66
C16 RI9 D . 14.05 -3.49 -2.31
C17 RI9 D . 13.52 -4.64 -1.66
F18 RI9 D . 13.81 -4.88 -0.37
F19 RI9 D . 11.59 -6.10 -4.46
N20 RI9 D . 12.55 -3.99 -5.65
S21 RI9 D . 12.74 -2.65 -6.69
C22 RI9 D . 11.70 -1.46 -5.74
O23 RI9 D . 14.16 -2.27 -6.71
O24 RI9 D . 12.03 -3.02 -7.92
C25 RI9 D . 10.38 -2.11 -5.31
C26 RI9 D . 9.14 -1.23 -5.69
C27 RI9 D . 9.14 -11.74 1.92
C28 RI9 D . 8.21 -12.73 2.62
O29 RI9 D . 7.53 -13.49 1.65
#